data_3OZD
#
_entry.id   3OZD
#
_cell.length_a   121.539
_cell.length_b   121.539
_cell.length_c   87.661
_cell.angle_alpha   90.000
_cell.angle_beta   90.000
_cell.angle_gamma   120.000
#
_symmetry.space_group_name_H-M   'P 63'
#
loop_
_entity.id
_entity.type
_entity.pdbx_description
1 polymer "S-methyl-5'-thioadenosine phosphorylase"
2 non-polymer (3R,4S)-1-[(4-amino-5H-pyrrolo[3,2-d]pyrimidin-7-yl)methyl]-4-{[(4-chlorophenyl)sulfanyl]methyl}pyrrolidin-3-ol
3 water water
#
_entity_poly.entity_id   1
_entity_poly.type   'polypeptide(L)'
_entity_poly.pdbx_seq_one_letter_code
;MASGTTTTAVKIGIIGGTGLDDPEILEGRTEKYVDTPFGKPSDALILGKIKNVDCVLLARHGRQHTIMPSKVNYQANIWA
LKEEGCTHVIVTTACGSLREEIQPGDIVIIDQFIDRTTMRPQSFYDGSHSCARGVCHIPMAEPFCPKTREVLIETAKKLG
LRCHSKGTMVTIEGPRFSSRAESFMFRTWGADVINMTTVPEVVLAKEAGICYASIAMATDYDCWKEHEEAVSVDRVLKTL
KENANKAKSLLLTTIPQIGSTEWSETLHNLKNMAQFSVLLPRH
;
_entity_poly.pdbx_strand_id   A,B
#
loop_
_chem_comp.id
_chem_comp.type
_chem_comp.name
_chem_comp.formula
4CT non-polymer (3R,4S)-1-[(4-amino-5H-pyrrolo[3,2-d]pyrimidin-7-yl)methyl]-4-{[(4-chlorophenyl)sulfanyl]methyl}pyrrolidin-3-ol 'C18 H20 Cl N5 O S'
#
# COMPACT_ATOMS: atom_id res chain seq x y z
N ALA A 9 -0.06 -28.83 -6.27
CA ALA A 9 -0.77 -27.88 -5.37
C ALA A 9 0.17 -26.74 -5.01
N VAL A 10 -0.40 -25.55 -4.79
CA VAL A 10 0.40 -24.40 -4.35
C VAL A 10 0.39 -24.25 -2.83
N LYS A 11 1.58 -24.15 -2.26
CA LYS A 11 1.68 -23.84 -0.83
C LYS A 11 2.82 -22.85 -0.66
N ILE A 12 2.53 -21.73 -0.01
CA ILE A 12 3.49 -20.64 0.05
C ILE A 12 3.97 -20.41 1.46
N GLY A 13 5.23 -20.74 1.69
CA GLY A 13 5.85 -20.34 2.93
C GLY A 13 6.13 -18.85 2.89
N ILE A 14 5.79 -18.15 3.96
CA ILE A 14 6.10 -16.74 4.00
C ILE A 14 6.96 -16.46 5.22
N ILE A 15 8.17 -15.97 4.96
CA ILE A 15 9.09 -15.58 6.04
C ILE A 15 9.19 -14.07 6.22
N GLY A 16 8.99 -13.60 7.45
CA GLY A 16 9.40 -12.25 7.80
C GLY A 16 8.41 -11.33 8.47
N GLY A 17 8.70 -10.03 8.37
CA GLY A 17 7.89 -8.94 8.93
C GLY A 17 6.54 -8.83 8.24
N THR A 18 5.66 -9.76 8.57
CA THR A 18 4.35 -9.81 7.95
C THR A 18 3.31 -9.85 9.06
N GLY A 19 2.52 -8.78 9.19
CA GLY A 19 1.37 -8.78 10.06
C GLY A 19 0.28 -9.67 9.50
N LEU A 20 0.65 -10.55 8.56
CA LEU A 20 -0.28 -11.47 7.89
C LEU A 20 -1.00 -12.45 8.86
N ASP A 21 -0.51 -12.52 10.09
CA ASP A 21 -1.09 -13.35 11.17
C ASP A 21 -1.87 -12.50 12.21
N ASP A 22 -3.19 -12.38 12.09
CA ASP A 22 -3.95 -13.11 11.06
C ASP A 22 -5.44 -12.75 10.87
N PRO A 23 -6.18 -12.52 11.97
CA PRO A 23 -7.55 -13.10 12.02
C PRO A 23 -8.41 -12.83 10.80
N GLU A 24 -8.49 -11.55 10.38
CA GLU A 24 -9.16 -11.13 9.14
C GLU A 24 -8.56 -11.82 7.92
N ILE A 25 -7.22 -11.83 7.85
CA ILE A 25 -6.42 -12.34 6.73
C ILE A 25 -6.28 -13.88 6.71
N LEU A 26 -5.85 -14.47 7.82
CA LEU A 26 -5.57 -15.90 7.87
C LEU A 26 -6.75 -16.75 8.32
N GLU A 27 -7.36 -17.44 7.36
CA GLU A 27 -8.46 -18.35 7.63
C GLU A 27 -7.92 -19.72 8.07
N GLY A 28 -8.50 -20.27 9.15
CA GLY A 28 -8.23 -21.66 9.54
C GLY A 28 -6.87 -21.77 10.17
N ARG A 29 -6.55 -20.79 11.01
CA ARG A 29 -5.24 -20.64 11.63
C ARG A 29 -4.95 -21.79 12.58
N THR A 30 -3.70 -22.28 12.53
CA THR A 30 -3.16 -23.36 13.37
C THR A 30 -1.69 -23.05 13.69
N GLU A 31 -1.34 -23.08 14.98
CA GLU A 31 0.04 -22.90 15.42
C GLU A 31 0.71 -24.30 15.60
N LYS A 32 1.81 -24.54 14.90
CA LYS A 32 2.48 -25.84 14.93
C LYS A 32 3.98 -25.73 15.24
N TYR A 33 4.38 -26.17 16.43
CA TYR A 33 5.80 -26.26 16.79
C TYR A 33 6.43 -27.52 16.16
N VAL A 34 7.54 -27.34 15.43
CA VAL A 34 8.13 -28.39 14.61
C VAL A 34 9.54 -28.75 15.02
N ASP A 35 9.88 -30.05 14.94
CA ASP A 35 11.24 -30.50 15.19
C ASP A 35 11.81 -31.09 13.94
N THR A 36 12.89 -30.49 13.42
CA THR A 36 13.48 -30.96 12.17
C THR A 36 14.82 -31.64 12.46
N PRO A 37 15.37 -32.41 11.51
CA PRO A 37 16.70 -32.99 11.73
C PRO A 37 17.79 -31.96 12.05
N PHE A 38 17.54 -30.70 11.67
CA PHE A 38 18.51 -29.63 11.87
C PHE A 38 18.18 -28.77 13.08
N GLY A 39 17.29 -29.25 13.92
CA GLY A 39 17.01 -28.57 15.19
C GLY A 39 15.70 -27.85 15.07
N LYS A 40 15.54 -26.76 15.84
CA LYS A 40 14.24 -26.03 15.88
C LYS A 40 14.17 -24.84 14.92
N PRO A 41 13.03 -24.70 14.20
CA PRO A 41 12.77 -23.45 13.49
C PRO A 41 12.76 -22.27 14.44
N SER A 42 12.95 -21.07 13.88
CA SER A 42 12.95 -19.79 14.60
C SER A 42 11.75 -19.57 15.49
N ASP A 43 10.62 -20.09 15.07
CA ASP A 43 9.40 -19.96 15.83
C ASP A 43 8.41 -20.99 15.29
N ALA A 44 7.24 -21.04 15.92
CA ALA A 44 6.20 -21.95 15.50
C ALA A 44 5.82 -21.54 14.10
N LEU A 45 5.56 -22.53 13.26
CA LEU A 45 4.95 -22.27 11.98
C LEU A 45 3.48 -21.93 12.24
N ILE A 46 2.99 -20.87 11.57
CA ILE A 46 1.56 -20.50 11.62
C ILE A 46 0.92 -20.85 10.30
N LEU A 47 -0.07 -21.73 10.33
CA LEU A 47 -0.61 -22.34 9.12
C LEU A 47 -2.06 -21.96 8.85
N GLY A 48 -2.41 -21.67 7.59
CA GLY A 48 -3.78 -21.24 7.27
C GLY A 48 -4.00 -20.91 5.83
N LYS A 49 -5.07 -20.17 5.54
CA LYS A 49 -5.37 -19.85 4.13
C LYS A 49 -5.51 -18.35 3.82
N ILE A 50 -4.74 -17.85 2.87
CA ILE A 50 -4.87 -16.42 2.54
C ILE A 50 -5.43 -16.35 1.16
N LYS A 51 -6.59 -15.70 1.05
CA LYS A 51 -7.40 -15.73 -0.16
C LYS A 51 -7.35 -17.10 -0.85
N ASN A 52 -7.73 -18.15 -0.10
CA ASN A 52 -7.98 -19.50 -0.64
C ASN A 52 -6.70 -20.17 -1.18
N VAL A 53 -5.55 -19.73 -0.67
CA VAL A 53 -4.26 -20.28 -1.06
C VAL A 53 -3.63 -20.72 0.24
N ASP A 54 -3.08 -21.93 0.25
CA ASP A 54 -2.48 -22.48 1.44
C ASP A 54 -1.15 -21.75 1.75
N CYS A 55 -1.02 -21.21 2.96
CA CYS A 55 0.18 -20.47 3.32
C CYS A 55 0.76 -21.05 4.61
N VAL A 56 2.03 -20.75 4.87
CA VAL A 56 2.68 -21.13 6.11
C VAL A 56 3.52 -19.95 6.48
N LEU A 57 3.37 -19.45 7.69
CA LEU A 57 4.00 -18.20 8.12
C LEU A 57 5.11 -18.52 9.13
N LEU A 58 6.18 -17.71 9.12
CA LEU A 58 7.36 -17.98 9.97
C LEU A 58 8.17 -16.72 10.29
N ALA A 59 8.24 -16.37 11.58
CA ALA A 59 9.01 -15.21 12.05
C ALA A 59 10.47 -15.53 12.19
N ARG A 60 11.27 -14.85 11.38
CA ARG A 60 12.68 -15.21 11.19
C ARG A 60 13.55 -15.13 12.45
N HIS A 61 13.35 -14.11 13.28
CA HIS A 61 14.20 -13.91 14.47
C HIS A 61 13.48 -14.30 15.75
N GLY A 62 12.39 -15.05 15.58
CA GLY A 62 11.72 -15.68 16.68
C GLY A 62 10.66 -14.82 17.34
N ARG A 63 9.87 -15.47 18.19
CA ARG A 63 8.94 -14.80 19.08
C ARG A 63 9.63 -13.58 19.67
N GLN A 64 9.11 -12.40 19.30
CA GLN A 64 9.69 -11.11 19.70
C GLN A 64 11.22 -10.95 19.62
N HIS A 65 11.78 -11.31 18.46
CA HIS A 65 13.19 -11.01 18.07
C HIS A 65 14.31 -11.08 19.13
N THR A 66 14.87 -12.29 19.29
CA THR A 66 15.78 -12.63 20.38
C THR A 66 17.07 -13.33 19.90
N ILE A 67 17.13 -13.69 18.61
CA ILE A 67 18.27 -14.42 18.02
C ILE A 67 19.01 -13.59 16.93
N MET A 68 20.33 -13.52 16.98
CA MET A 68 21.07 -12.75 15.98
C MET A 68 21.06 -13.42 14.59
N PRO A 69 21.15 -12.60 13.51
CA PRO A 69 21.09 -13.16 12.16
C PRO A 69 22.04 -14.34 11.93
N SER A 70 23.24 -14.29 12.51
CA SER A 70 24.24 -15.35 12.46
C SER A 70 23.80 -16.66 13.08
N LYS A 71 23.03 -16.61 14.15
CA LYS A 71 22.61 -17.83 14.85
C LYS A 71 21.18 -18.29 14.51
N VAL A 72 20.58 -17.67 13.49
CA VAL A 72 19.27 -18.10 13.02
C VAL A 72 19.38 -19.53 12.47
N ASN A 73 18.46 -20.39 12.86
CA ASN A 73 18.49 -21.73 12.28
C ASN A 73 17.87 -21.81 10.88
N TYR A 74 18.66 -21.38 9.90
CA TYR A 74 18.29 -21.41 8.50
C TYR A 74 17.96 -22.79 7.94
N GLN A 75 18.73 -23.80 8.36
CA GLN A 75 18.49 -25.19 7.94
C GLN A 75 17.11 -25.63 8.44
N ALA A 76 16.86 -25.42 9.73
CA ALA A 76 15.57 -25.81 10.29
C ALA A 76 14.37 -25.11 9.63
N ASN A 77 14.45 -23.76 9.48
CA ASN A 77 13.40 -22.99 8.78
C ASN A 77 13.02 -23.52 7.41
N ILE A 78 13.99 -23.63 6.50
CA ILE A 78 13.75 -24.15 5.15
C ILE A 78 13.23 -25.60 5.16
N TRP A 79 13.89 -26.45 5.92
CA TRP A 79 13.52 -27.85 5.94
C TRP A 79 12.09 -28.00 6.45
N ALA A 80 11.70 -27.19 7.42
CA ALA A 80 10.34 -27.32 7.97
C ALA A 80 9.27 -26.83 6.97
N LEU A 81 9.58 -25.80 6.18
CA LEU A 81 8.65 -25.34 5.14
C LEU A 81 8.47 -26.36 4.04
N LYS A 82 9.59 -26.99 3.64
CA LYS A 82 9.55 -28.05 2.63
C LYS A 82 8.72 -29.24 3.10
N GLU A 83 8.89 -29.61 4.36
CA GLU A 83 8.21 -30.76 4.90
C GLU A 83 6.71 -30.51 5.11
N GLU A 84 6.29 -29.25 5.28
CA GLU A 84 4.86 -28.92 5.24
C GLU A 84 4.27 -29.02 3.83
N GLY A 85 5.16 -29.03 2.84
CA GLY A 85 4.78 -29.14 1.45
C GLY A 85 4.84 -27.85 0.65
N CYS A 86 5.55 -26.81 1.15
CA CYS A 86 5.67 -25.57 0.39
C CYS A 86 6.29 -25.77 -1.00
N THR A 87 5.70 -25.15 -2.00
CA THR A 87 6.26 -25.15 -3.34
C THR A 87 6.96 -23.82 -3.56
N HIS A 88 6.52 -22.80 -2.81
CA HIS A 88 7.11 -21.49 -2.85
C HIS A 88 7.44 -20.96 -1.46
N VAL A 89 8.46 -20.12 -1.41
CA VAL A 89 8.78 -19.34 -0.24
C VAL A 89 9.05 -17.92 -0.74
N ILE A 90 8.30 -16.97 -0.20
CA ILE A 90 8.44 -15.58 -0.56
C ILE A 90 8.74 -14.94 0.76
N VAL A 91 9.86 -14.22 0.83
CA VAL A 91 10.32 -13.62 2.08
C VAL A 91 10.36 -12.07 2.03
N THR A 92 10.37 -11.45 3.22
CA THR A 92 10.54 -10.02 3.30
C THR A 92 11.74 -9.71 4.17
N THR A 93 12.43 -8.63 3.84
CA THR A 93 13.60 -8.28 4.54
C THR A 93 13.75 -6.78 4.52
N ALA A 94 14.13 -6.19 5.66
CA ALA A 94 14.72 -4.87 5.71
C ALA A 94 16.09 -4.88 5.03
N CYS A 95 16.51 -3.72 4.50
CA CYS A 95 17.85 -3.59 3.94
C CYS A 95 18.35 -2.15 3.94
N GLY A 96 19.67 -2.00 3.89
CA GLY A 96 20.27 -0.69 3.67
C GLY A 96 20.39 -0.45 2.16
N SER A 97 20.08 0.76 1.69
CA SER A 97 20.33 1.10 0.28
C SER A 97 21.77 1.47 0.08
N LEU A 98 22.41 0.91 -0.94
CA LEU A 98 23.76 1.36 -1.29
C LEU A 98 23.79 2.33 -2.50
N ARG A 99 22.61 2.74 -3.00
CA ARG A 99 22.49 3.69 -4.13
CA ARG A 99 22.49 3.68 -4.14
C ARG A 99 21.48 4.78 -3.83
N GLU A 100 21.80 6.01 -4.18
CA GLU A 100 20.86 7.13 -3.96
C GLU A 100 19.42 6.85 -4.46
N GLU A 101 19.31 6.31 -5.67
CA GLU A 101 18.03 6.10 -6.34
C GLU A 101 17.13 5.00 -5.73
N ILE A 102 17.70 4.15 -4.87
CA ILE A 102 16.89 3.25 -4.04
C ILE A 102 16.58 4.00 -2.75
N GLN A 103 15.41 4.65 -2.66
CA GLN A 103 15.13 5.45 -1.46
C GLN A 103 14.58 4.55 -0.35
N PRO A 104 14.82 4.90 0.93
CA PRO A 104 14.13 4.24 2.00
C PRO A 104 12.66 4.12 1.64
N GLY A 105 12.02 2.99 1.91
CA GLY A 105 10.60 2.83 1.60
C GLY A 105 10.33 2.09 0.29
N ASP A 106 11.30 2.15 -0.62
CA ASP A 106 11.31 1.40 -1.88
C ASP A 106 11.41 -0.11 -1.68
N ILE A 107 10.77 -0.85 -2.59
CA ILE A 107 10.91 -2.29 -2.63
C ILE A 107 11.98 -2.62 -3.66
N VAL A 108 12.80 -3.61 -3.38
CA VAL A 108 13.74 -4.13 -4.38
C VAL A 108 13.48 -5.61 -4.56
N ILE A 109 13.11 -5.98 -5.79
CA ILE A 109 12.96 -7.41 -6.03
C ILE A 109 14.31 -7.98 -6.45
N ILE A 110 15.15 -8.30 -5.47
CA ILE A 110 16.54 -8.72 -5.76
C ILE A 110 16.64 -9.98 -6.63
N ASP A 111 17.73 -10.13 -7.32
CA ASP A 111 17.91 -11.19 -8.26
C ASP A 111 19.31 -11.80 -8.08
N GLN A 112 20.16 -11.18 -7.25
CA GLN A 112 21.52 -11.72 -7.00
C GLN A 112 22.05 -11.38 -5.61
N PHE A 113 23.01 -12.14 -5.11
CA PHE A 113 23.64 -11.75 -3.87
C PHE A 113 25.13 -11.88 -3.95
N ILE A 114 25.77 -11.26 -2.98
CA ILE A 114 27.18 -11.47 -2.74
C ILE A 114 27.25 -11.86 -1.27
N ASP A 115 28.00 -12.93 -0.99
CA ASP A 115 28.07 -13.48 0.33
C ASP A 115 29.24 -12.81 1.05
N ARG A 116 28.96 -12.20 2.19
CA ARG A 116 29.99 -11.65 3.07
C ARG A 116 29.85 -12.32 4.41
N THR A 117 29.08 -13.42 4.46
CA THR A 117 28.83 -14.13 5.74
C THR A 117 30.00 -15.06 6.03
N THR A 118 30.19 -15.45 7.28
CA THR A 118 31.33 -16.32 7.55
C THR A 118 31.08 -17.54 8.41
N MET A 119 30.03 -17.53 9.22
CA MET A 119 29.92 -18.58 10.24
C MET A 119 28.65 -19.39 10.12
N ARG A 120 28.20 -19.58 8.87
CA ARG A 120 26.88 -20.12 8.62
C ARG A 120 26.87 -21.40 7.79
N PRO A 121 26.21 -22.44 8.31
CA PRO A 121 25.92 -23.60 7.48
C PRO A 121 25.08 -23.24 6.23
N GLN A 122 25.50 -23.73 5.07
CA GLN A 122 24.88 -23.34 3.79
C GLN A 122 24.41 -24.55 2.98
N SER A 123 24.45 -25.72 3.60
CA SER A 123 23.93 -26.93 2.96
C SER A 123 23.25 -27.81 4.00
N PHE A 124 22.15 -28.43 3.59
CA PHE A 124 21.57 -29.58 4.32
C PHE A 124 22.48 -30.81 4.31
N TYR A 125 23.30 -30.94 3.26
CA TYR A 125 24.13 -32.13 3.05
C TYR A 125 25.45 -31.91 3.71
N ASP A 126 25.46 -32.08 5.03
CA ASP A 126 26.59 -31.69 5.86
C ASP A 126 27.32 -32.89 6.46
N GLY A 127 26.94 -34.08 6.00
CA GLY A 127 27.52 -35.30 6.53
C GLY A 127 26.71 -35.93 7.65
N SER A 128 25.80 -35.18 8.26
CA SER A 128 25.20 -35.61 9.55
C SER A 128 23.82 -36.25 9.58
N HIS A 129 23.13 -36.33 8.43
CA HIS A 129 21.68 -36.65 8.43
C HIS A 129 21.26 -37.57 7.30
N SER A 130 20.33 -38.50 7.60
CA SER A 130 19.96 -39.54 6.63
C SER A 130 18.99 -38.99 5.58
N CYS A 131 18.29 -37.91 5.95
CA CYS A 131 17.41 -37.19 5.02
C CYS A 131 18.19 -36.48 3.90
N ALA A 132 19.46 -36.20 4.15
CA ALA A 132 20.29 -35.45 3.22
C ALA A 132 21.68 -36.08 3.14
N ARG A 133 21.76 -37.16 2.37
CA ARG A 133 22.99 -37.95 2.19
C ARG A 133 23.72 -37.50 0.93
N GLY A 134 25.05 -37.52 1.00
CA GLY A 134 25.90 -37.17 -0.13
C GLY A 134 26.42 -35.74 -0.06
N VAL A 135 27.03 -35.28 -1.14
CA VAL A 135 27.45 -33.87 -1.16
C VAL A 135 26.65 -33.18 -2.20
N CYS A 136 26.18 -32.00 -1.82
CA CYS A 136 25.37 -31.17 -2.72
C CYS A 136 26.16 -29.94 -3.14
N HIS A 137 26.30 -29.76 -4.44
CA HIS A 137 26.83 -28.50 -4.97
C HIS A 137 25.79 -27.80 -5.82
N ILE A 138 25.00 -26.92 -5.21
CA ILE A 138 23.83 -26.34 -5.91
C ILE A 138 24.19 -25.13 -6.81
N PRO A 139 23.70 -25.13 -8.06
CA PRO A 139 23.95 -23.95 -8.88
C PRO A 139 23.28 -22.68 -8.29
N MET A 140 23.95 -21.52 -8.41
CA MET A 140 23.49 -20.24 -7.85
C MET A 140 23.52 -19.11 -8.91
N ALA A 141 23.76 -19.48 -10.16
CA ALA A 141 23.69 -18.55 -11.27
C ALA A 141 22.42 -17.68 -11.21
N GLU A 142 21.29 -18.31 -10.89
CA GLU A 142 19.96 -17.63 -10.80
C GLU A 142 19.37 -17.97 -9.41
N PRO A 143 19.81 -17.23 -8.37
CA PRO A 143 19.46 -17.71 -7.02
C PRO A 143 17.97 -17.56 -6.74
N PHE A 144 17.29 -16.70 -7.49
CA PHE A 144 15.89 -16.34 -7.16
C PHE A 144 14.89 -16.75 -8.25
N CYS A 145 13.76 -17.33 -7.86
CA CYS A 145 12.66 -17.69 -8.78
C CYS A 145 12.24 -16.61 -9.79
N PRO A 146 12.53 -16.83 -11.10
CA PRO A 146 12.23 -15.93 -12.23
C PRO A 146 10.76 -15.55 -12.33
N LYS A 147 9.86 -16.52 -12.16
CA LYS A 147 8.44 -16.23 -12.40
C LYS A 147 7.83 -15.54 -11.19
N THR A 148 8.23 -15.95 -9.98
CA THR A 148 7.79 -15.23 -8.80
C THR A 148 8.23 -13.77 -8.81
N ARG A 149 9.50 -13.51 -9.05
CA ARG A 149 9.97 -12.15 -9.14
C ARG A 149 9.06 -11.37 -10.08
N GLU A 150 8.72 -11.99 -11.22
CA GLU A 150 7.94 -11.29 -12.23
C GLU A 150 6.61 -10.89 -11.65
N VAL A 151 5.87 -11.80 -11.06
CA VAL A 151 4.62 -11.47 -10.37
C VAL A 151 4.79 -10.34 -9.31
N LEU A 152 5.88 -10.42 -8.54
CA LEU A 152 6.18 -9.38 -7.56
C LEU A 152 6.31 -7.99 -8.20
N ILE A 153 6.99 -7.96 -9.33
CA ILE A 153 7.17 -6.75 -10.13
C ILE A 153 5.84 -6.25 -10.71
N GLU A 154 5.07 -7.13 -11.34
CA GLU A 154 3.82 -6.77 -11.99
C GLU A 154 2.87 -6.17 -10.95
N THR A 155 2.83 -6.83 -9.80
CA THR A 155 1.92 -6.50 -8.72
C THR A 155 2.25 -5.19 -8.04
N ALA A 156 3.51 -4.83 -7.98
CA ALA A 156 3.93 -3.59 -7.34
C ALA A 156 3.60 -2.39 -8.21
N LYS A 157 3.76 -2.58 -9.52
CA LYS A 157 3.30 -1.62 -10.51
C LYS A 157 1.75 -1.52 -10.46
N LYS A 158 1.06 -2.65 -10.32
CA LYS A 158 -0.41 -2.57 -10.09
C LYS A 158 -0.72 -1.78 -8.81
N LEU A 159 0.15 -1.88 -7.82
CA LEU A 159 -0.07 -1.09 -6.60
C LEU A 159 0.45 0.33 -6.69
N GLY A 160 1.08 0.66 -7.81
CA GLY A 160 1.74 1.97 -8.00
C GLY A 160 2.83 2.30 -7.01
N LEU A 161 3.42 1.27 -6.39
CA LEU A 161 4.55 1.41 -5.46
C LEU A 161 5.92 1.64 -6.12
N ARG A 162 6.81 2.34 -5.43
CA ARG A 162 8.19 2.55 -5.92
C ARG A 162 8.95 1.21 -5.89
N CYS A 163 9.56 0.83 -6.99
CA CYS A 163 10.04 -0.56 -7.08
C CYS A 163 11.22 -0.69 -8.00
N HIS A 164 12.17 -1.50 -7.58
CA HIS A 164 13.32 -1.78 -8.42
C HIS A 164 13.23 -3.24 -8.80
N SER A 165 13.20 -3.47 -10.11
CA SER A 165 12.92 -4.79 -10.66
CA SER A 165 12.92 -4.79 -10.65
C SER A 165 14.12 -5.75 -10.54
N LYS A 166 15.26 -5.22 -10.14
CA LYS A 166 16.38 -6.12 -9.95
C LYS A 166 17.30 -5.54 -8.91
N GLY A 167 18.36 -6.27 -8.54
CA GLY A 167 19.27 -5.81 -7.45
C GLY A 167 20.15 -6.87 -6.77
N THR A 168 21.32 -6.45 -6.31
CA THR A 168 22.28 -7.33 -5.69
C THR A 168 22.37 -7.02 -4.22
N MET A 169 21.87 -7.96 -3.41
CA MET A 169 21.94 -7.91 -1.95
C MET A 169 23.33 -8.37 -1.47
N VAL A 170 24.08 -7.51 -0.77
CA VAL A 170 25.21 -8.07 -0.03
C VAL A 170 24.72 -8.50 1.39
N THR A 171 25.03 -9.72 1.76
CA THR A 171 24.68 -10.25 3.08
C THR A 171 25.95 -10.29 3.89
N ILE A 172 26.01 -9.38 4.86
CA ILE A 172 27.04 -9.35 5.88
C ILE A 172 26.74 -10.26 7.06
N GLU A 173 27.80 -10.73 7.71
CA GLU A 173 27.68 -11.59 8.88
C GLU A 173 26.91 -10.89 9.99
N GLY A 174 27.31 -9.64 10.30
CA GLY A 174 26.72 -8.90 11.43
C GLY A 174 27.16 -9.63 12.71
N PRO A 175 26.53 -9.32 13.89
CA PRO A 175 25.32 -8.46 13.98
C PRO A 175 25.57 -6.95 13.89
N ARG A 176 26.83 -6.52 13.92
CA ARG A 176 27.18 -5.11 13.72
C ARG A 176 26.74 -4.58 12.32
N PHE A 177 26.52 -3.28 12.20
CA PHE A 177 26.46 -2.65 10.87
C PHE A 177 27.86 -2.48 10.25
N SER A 178 27.95 -2.17 8.94
CA SER A 178 29.25 -2.01 8.25
C SER A 178 30.02 -0.75 8.63
N SER A 179 31.34 -0.82 8.57
CA SER A 179 32.15 0.40 8.64
C SER A 179 31.88 1.18 7.38
N ARG A 180 32.31 2.44 7.34
CA ARG A 180 32.16 3.23 6.09
C ARG A 180 33.01 2.70 4.93
N ALA A 181 34.26 2.37 5.24
CA ALA A 181 35.15 1.73 4.28
C ALA A 181 34.46 0.53 3.66
N GLU A 182 33.80 -0.29 4.48
CA GLU A 182 33.13 -1.47 3.99
C GLU A 182 31.96 -1.02 3.10
N SER A 183 31.20 -0.02 3.55
CA SER A 183 30.03 0.45 2.78
C SER A 183 30.50 0.88 1.37
N PHE A 184 31.58 1.65 1.29
CA PHE A 184 32.07 2.14 0.01
C PHE A 184 32.61 1.02 -0.86
N MET A 185 33.24 0.02 -0.23
CA MET A 185 33.74 -1.10 -0.98
C MET A 185 32.58 -1.86 -1.62
N PHE A 186 31.49 -2.17 -0.89
CA PHE A 186 30.35 -2.87 -1.48
C PHE A 186 29.75 -2.05 -2.62
N ARG A 187 29.76 -0.73 -2.48
CA ARG A 187 29.39 0.16 -3.59
C ARG A 187 30.23 -0.08 -4.84
N THR A 188 31.55 -0.20 -4.67
CA THR A 188 32.44 -0.35 -5.83
C THR A 188 32.26 -1.73 -6.47
N TRP A 189 31.91 -2.71 -5.64
CA TRP A 189 31.51 -4.07 -6.02
C TRP A 189 30.20 -4.17 -6.84
N GLY A 190 29.35 -3.15 -6.77
CA GLY A 190 28.13 -3.12 -7.58
C GLY A 190 26.93 -3.66 -6.83
N ALA A 191 27.04 -3.72 -5.51
CA ALA A 191 25.92 -4.15 -4.69
C ALA A 191 24.99 -2.96 -4.55
N ASP A 192 23.68 -3.24 -4.47
CA ASP A 192 22.64 -2.24 -4.42
C ASP A 192 22.05 -2.10 -3.01
N VAL A 193 21.93 -3.23 -2.30
CA VAL A 193 21.28 -3.26 -0.99
C VAL A 193 22.07 -4.15 -0.06
N ILE A 194 21.89 -4.01 1.24
CA ILE A 194 22.71 -4.75 2.15
C ILE A 194 21.85 -5.34 3.27
N ASN A 195 22.12 -6.58 3.66
CA ASN A 195 21.39 -7.16 4.83
C ASN A 195 22.22 -8.19 5.61
N MET A 196 21.54 -9.00 6.42
CA MET A 196 22.19 -9.98 7.26
C MET A 196 21.59 -11.37 7.15
N THR A 197 20.56 -11.54 6.34
CA THR A 197 19.83 -12.83 6.33
C THR A 197 19.59 -13.55 4.99
N THR A 198 19.81 -12.86 3.90
CA THR A 198 19.49 -13.42 2.58
C THR A 198 20.30 -14.68 2.30
N VAL A 199 21.59 -14.65 2.57
CA VAL A 199 22.37 -15.89 2.58
C VAL A 199 22.43 -16.40 4.00
N PRO A 200 22.20 -17.71 4.21
CA PRO A 200 22.06 -18.82 3.26
C PRO A 200 20.65 -19.26 2.92
N GLU A 201 19.65 -18.41 3.23
CA GLU A 201 18.22 -18.78 3.16
C GLU A 201 17.90 -19.23 1.75
N VAL A 202 18.29 -18.40 0.79
CA VAL A 202 18.12 -18.62 -0.63
C VAL A 202 18.86 -19.84 -1.14
N VAL A 203 20.03 -20.13 -0.57
CA VAL A 203 20.86 -21.25 -1.03
C VAL A 203 20.19 -22.53 -0.54
N LEU A 204 19.82 -22.57 0.76
CA LEU A 204 19.02 -23.70 1.30
C LEU A 204 17.66 -23.91 0.62
N ALA A 205 17.04 -22.84 0.15
CA ALA A 205 15.75 -22.95 -0.61
C ALA A 205 15.92 -23.71 -1.91
N LYS A 206 17.01 -23.39 -2.59
CA LYS A 206 17.34 -23.99 -3.86
C LYS A 206 17.68 -25.45 -3.64
N GLU A 207 18.49 -25.77 -2.62
CA GLU A 207 18.75 -27.18 -2.28
C GLU A 207 17.49 -27.99 -2.03
N ALA A 208 16.44 -27.32 -1.56
CA ALA A 208 15.18 -27.96 -1.22
C ALA A 208 14.20 -28.08 -2.39
N GLY A 209 14.55 -27.55 -3.56
CA GLY A 209 13.68 -27.51 -4.70
C GLY A 209 12.49 -26.56 -4.58
N ILE A 210 12.58 -25.57 -3.69
CA ILE A 210 11.51 -24.55 -3.49
C ILE A 210 11.74 -23.31 -4.35
N CYS A 211 10.67 -22.76 -4.92
CA CYS A 211 10.79 -21.49 -5.66
C CYS A 211 10.78 -20.37 -4.61
N TYR A 212 11.87 -19.58 -4.59
CA TYR A 212 12.12 -18.61 -3.50
C TYR A 212 12.42 -17.24 -4.06
N ALA A 213 11.69 -16.23 -3.59
CA ALA A 213 11.88 -14.83 -3.98
C ALA A 213 11.93 -13.93 -2.74
N SER A 214 12.57 -12.78 -2.88
CA SER A 214 12.69 -11.87 -1.74
C SER A 214 12.13 -10.49 -2.09
N ILE A 215 11.27 -10.00 -1.19
CA ILE A 215 10.83 -8.62 -1.10
C ILE A 215 11.79 -7.88 -0.13
N ALA A 216 12.65 -7.04 -0.70
CA ALA A 216 13.61 -6.31 0.11
C ALA A 216 13.15 -4.86 0.31
N MET A 217 13.00 -4.43 1.55
CA MET A 217 12.56 -3.04 1.81
C MET A 217 13.68 -2.21 2.34
N ALA A 218 14.04 -1.16 1.58
CA ALA A 218 15.11 -0.31 2.00
C ALA A 218 14.64 0.55 3.16
N THR A 219 15.49 0.62 4.17
CA THR A 219 15.10 1.29 5.40
C THR A 219 16.00 2.44 5.78
N ASP A 220 17.14 2.57 5.09
CA ASP A 220 18.25 3.47 5.46
C ASP A 220 19.22 3.38 4.29
N TYR A 221 20.18 4.27 4.27
CA TYR A 221 21.24 4.27 3.28
C TYR A 221 22.54 3.86 3.91
N ASP A 222 22.47 3.00 4.95
CA ASP A 222 23.68 2.51 5.62
C ASP A 222 24.48 3.70 6.17
N CYS A 223 25.73 3.84 5.75
CA CYS A 223 26.54 4.90 6.31
C CYS A 223 27.39 5.62 5.27
N TRP A 224 27.07 5.45 3.99
CA TRP A 224 27.96 5.98 2.94
C TRP A 224 27.81 7.51 2.70
N LYS A 225 26.66 8.08 3.08
CA LYS A 225 26.44 9.50 2.95
C LYS A 225 27.28 10.22 3.99
N GLU A 226 28.00 11.22 3.50
CA GLU A 226 28.90 12.03 4.30
C GLU A 226 28.12 13.01 5.22
N HIS A 227 26.92 13.41 4.83
CA HIS A 227 26.20 14.44 5.59
C HIS A 227 24.80 14.06 6.06
N GLU A 228 24.64 12.78 6.35
CA GLU A 228 23.40 12.28 6.92
C GLU A 228 23.83 11.29 8.00
N GLU A 229 23.04 11.23 9.07
CA GLU A 229 23.21 10.20 10.10
C GLU A 229 23.29 8.79 9.52
N ALA A 230 24.21 7.99 10.06
CA ALA A 230 24.38 6.63 9.61
C ALA A 230 23.29 5.74 10.20
N VAL A 231 23.09 4.58 9.58
CA VAL A 231 22.10 3.60 10.06
C VAL A 231 22.18 3.35 11.59
N SER A 232 21.03 3.12 12.22
CA SER A 232 20.94 2.63 13.58
C SER A 232 19.72 1.70 13.71
N VAL A 233 19.69 0.91 14.77
CA VAL A 233 18.48 0.14 15.08
C VAL A 233 17.19 1.04 15.06
N ASP A 234 17.22 2.16 15.76
CA ASP A 234 16.03 2.99 15.89
C ASP A 234 15.63 3.60 14.54
N ARG A 235 16.60 3.96 13.71
CA ARG A 235 16.20 4.52 12.41
C ARG A 235 15.57 3.42 11.52
N VAL A 236 16.15 2.22 11.50
CA VAL A 236 15.57 1.08 10.74
C VAL A 236 14.17 0.77 11.28
N LEU A 237 13.97 0.91 12.58
CA LEU A 237 12.72 0.44 13.20
C LEU A 237 11.56 1.36 12.82
N LYS A 238 11.82 2.66 12.85
CA LYS A 238 10.85 3.66 12.49
C LYS A 238 10.59 3.71 10.98
N THR A 239 11.61 3.41 10.15
CA THR A 239 11.35 3.44 8.72
C THR A 239 10.50 2.25 8.37
N LEU A 240 10.81 1.15 9.04
CA LEU A 240 10.16 -0.09 8.84
C LEU A 240 8.70 -0.02 9.29
N LYS A 241 8.44 0.64 10.41
CA LYS A 241 7.08 0.93 10.90
C LYS A 241 6.27 1.75 9.90
N GLU A 242 6.84 2.88 9.45
CA GLU A 242 6.22 3.72 8.42
C GLU A 242 5.89 2.93 7.14
N ASN A 243 6.76 2.01 6.73
CA ASN A 243 6.65 1.41 5.40
C ASN A 243 6.13 -0.03 5.33
N ALA A 244 5.85 -0.63 6.48
CA ALA A 244 5.47 -2.05 6.58
C ALA A 244 4.21 -2.45 5.77
N ASN A 245 3.30 -1.50 5.53
CA ASN A 245 2.07 -1.77 4.79
C ASN A 245 2.31 -2.10 3.34
N LYS A 246 3.43 -1.66 2.78
CA LYS A 246 3.70 -1.81 1.37
C LYS A 246 4.03 -3.27 1.06
N ALA A 247 4.99 -3.81 1.79
CA ALA A 247 5.24 -5.25 1.79
C ALA A 247 4.03 -6.13 2.12
N LYS A 248 3.10 -5.62 2.94
CA LYS A 248 1.90 -6.40 3.28
C LYS A 248 0.90 -6.37 2.11
N SER A 249 0.65 -5.19 1.56
CA SER A 249 -0.21 -5.10 0.36
C SER A 249 0.36 -5.88 -0.81
N LEU A 250 1.67 -5.82 -0.99
CA LEU A 250 2.30 -6.52 -2.09
C LEU A 250 2.06 -8.03 -2.02
N LEU A 251 2.09 -8.60 -0.82
CA LEU A 251 1.89 -10.02 -0.65
C LEU A 251 0.42 -10.44 -0.76
N LEU A 252 -0.50 -9.66 -0.19
CA LEU A 252 -1.93 -9.97 -0.38
C LEU A 252 -2.41 -10.00 -1.83
N THR A 253 -1.74 -9.24 -2.68
CA THR A 253 -2.17 -9.12 -4.08
C THR A 253 -1.33 -10.07 -4.91
N THR A 254 -0.18 -10.43 -4.36
CA THR A 254 0.70 -11.41 -5.00
C THR A 254 0.16 -12.82 -4.79
N ILE A 255 -0.20 -13.17 -3.57
CA ILE A 255 -0.62 -14.55 -3.22
C ILE A 255 -1.78 -15.12 -4.07
N PRO A 256 -2.87 -14.33 -4.34
CA PRO A 256 -3.88 -14.75 -5.35
C PRO A 256 -3.28 -15.18 -6.68
N GLN A 257 -2.35 -14.38 -7.19
CA GLN A 257 -1.78 -14.64 -8.48
C GLN A 257 -0.91 -15.90 -8.50
N ILE A 258 -0.08 -16.11 -7.48
CA ILE A 258 0.73 -17.35 -7.44
C ILE A 258 -0.16 -18.59 -7.53
N GLY A 259 -1.16 -18.65 -6.68
CA GLY A 259 -2.12 -19.78 -6.66
C GLY A 259 -3.03 -19.93 -7.88
N SER A 260 -2.83 -19.09 -8.90
CA SER A 260 -3.63 -19.13 -10.12
C SER A 260 -2.74 -19.18 -11.38
N THR A 261 -1.46 -19.53 -11.21
CA THR A 261 -0.48 -19.60 -12.31
C THR A 261 -0.17 -21.08 -12.62
N GLU A 262 0.42 -21.36 -13.78
CA GLU A 262 0.98 -22.68 -14.05
C GLU A 262 2.36 -22.76 -13.38
N TRP A 263 2.59 -23.83 -12.61
CA TRP A 263 3.87 -24.03 -11.90
C TRP A 263 4.62 -25.36 -12.15
N SER A 264 3.93 -26.38 -12.66
CA SER A 264 4.54 -27.73 -12.75
C SER A 264 5.91 -27.80 -13.43
N GLU A 265 6.07 -27.11 -14.56
CA GLU A 265 7.39 -27.08 -15.22
C GLU A 265 8.52 -26.43 -14.39
N THR A 266 8.28 -25.24 -13.81
CA THR A 266 9.27 -24.56 -12.95
C THR A 266 9.73 -25.49 -11.81
N LEU A 267 8.75 -26.07 -11.10
CA LEU A 267 9.02 -26.96 -9.96
C LEU A 267 9.67 -28.29 -10.38
N HIS A 268 9.29 -28.81 -11.55
CA HIS A 268 9.98 -30.00 -12.08
C HIS A 268 11.46 -29.68 -12.36
N ASN A 269 11.71 -28.58 -13.07
CA ASN A 269 13.06 -28.12 -13.31
C ASN A 269 13.88 -27.89 -12.04
N LEU A 270 13.27 -27.20 -11.05
CA LEU A 270 13.91 -26.94 -9.77
C LEU A 270 14.20 -28.22 -9.01
N LYS A 271 13.28 -29.20 -9.12
CA LYS A 271 13.51 -30.51 -8.52
C LYS A 271 14.70 -31.27 -9.15
N ASN A 272 14.82 -31.26 -10.47
CA ASN A 272 15.93 -31.93 -11.15
C ASN A 272 17.26 -31.26 -10.82
N MET A 273 17.28 -29.93 -10.87
CA MET A 273 18.47 -29.19 -10.44
C MET A 273 18.97 -29.60 -9.04
N ALA A 274 18.06 -29.61 -8.08
CA ALA A 274 18.42 -30.07 -6.73
C ALA A 274 18.82 -31.56 -6.71
N GLN A 275 18.00 -32.40 -7.33
CA GLN A 275 18.33 -33.84 -7.46
C GLN A 275 19.73 -34.06 -8.04
N PHE A 276 19.99 -33.45 -9.18
CA PHE A 276 21.24 -33.70 -9.88
C PHE A 276 22.42 -32.90 -9.32
N SER A 277 22.18 -32.11 -8.27
CA SER A 277 23.28 -31.44 -7.57
C SER A 277 24.02 -32.33 -6.59
N VAL A 278 23.42 -33.46 -6.24
CA VAL A 278 23.93 -34.29 -5.14
C VAL A 278 24.75 -35.47 -5.63
N LEU A 279 25.88 -35.70 -4.95
CA LEU A 279 26.74 -36.87 -5.21
C LEU A 279 26.66 -37.91 -4.10
N LEU A 280 26.05 -39.05 -4.43
CA LEU A 280 26.11 -40.23 -3.59
C LEU A 280 27.37 -41.04 -3.89
N PRO A 281 27.79 -41.91 -2.93
CA PRO A 281 28.80 -42.95 -3.20
C PRO A 281 28.67 -43.61 -4.58
N ALA B 9 -20.99 3.08 -19.72
CA ALA B 9 -19.53 3.38 -19.93
C ALA B 9 -18.96 4.29 -18.83
N VAL B 10 -18.27 3.65 -17.89
CA VAL B 10 -17.76 4.30 -16.68
C VAL B 10 -16.64 5.29 -16.98
N LYS B 11 -16.63 6.39 -16.23
CA LYS B 11 -15.55 7.38 -16.34
C LYS B 11 -15.42 8.08 -15.00
N ILE B 12 -14.23 7.99 -14.41
CA ILE B 12 -14.03 8.38 -13.03
C ILE B 12 -13.26 9.69 -12.88
N GLY B 13 -13.90 10.63 -12.16
CA GLY B 13 -13.25 11.88 -11.72
C GLY B 13 -12.43 11.60 -10.47
N ILE B 14 -11.17 12.03 -10.47
CA ILE B 14 -10.38 11.83 -9.28
C ILE B 14 -9.94 13.19 -8.80
N ILE B 15 -10.24 13.49 -7.54
CA ILE B 15 -9.78 14.73 -6.93
C ILE B 15 -8.98 14.37 -5.69
N GLY B 16 -7.79 14.96 -5.58
CA GLY B 16 -6.88 14.63 -4.50
C GLY B 16 -5.57 14.21 -5.12
N GLY B 17 -4.51 14.93 -4.73
CA GLY B 17 -3.16 14.79 -5.32
C GLY B 17 -2.53 13.47 -4.93
N THR B 18 -3.07 12.40 -5.50
CA THR B 18 -2.68 11.06 -5.15
C THR B 18 -1.52 10.52 -5.98
N GLY B 19 -0.84 11.39 -6.72
CA GLY B 19 0.16 10.95 -7.69
C GLY B 19 -0.34 9.91 -8.67
N LEU B 20 -1.50 10.15 -9.27
CA LEU B 20 -1.97 9.20 -10.28
C LEU B 20 -1.45 9.56 -11.67
N ASP B 21 -1.16 10.85 -11.84
CA ASP B 21 -0.57 11.39 -13.07
C ASP B 21 0.90 11.02 -13.17
N ASP B 22 1.18 10.10 -14.09
CA ASP B 22 2.44 9.37 -14.21
C ASP B 22 2.34 8.48 -15.48
N PRO B 23 3.47 8.24 -16.17
CA PRO B 23 3.36 7.42 -17.41
C PRO B 23 3.05 5.95 -17.22
N GLU B 24 3.45 5.33 -16.10
CA GLU B 24 3.11 3.90 -15.88
C GLU B 24 1.73 3.64 -15.23
N ILE B 25 0.95 4.69 -15.03
CA ILE B 25 -0.42 4.64 -14.51
C ILE B 25 -1.40 5.20 -15.55
N LEU B 26 -1.19 6.45 -15.95
CA LEU B 26 -2.07 7.15 -16.89
C LEU B 26 -1.59 6.97 -18.31
N GLU B 27 -2.37 6.23 -19.08
CA GLU B 27 -2.01 5.88 -20.44
C GLU B 27 -2.91 6.60 -21.44
N GLY B 28 -2.28 7.17 -22.48
CA GLY B 28 -3.00 7.93 -23.53
C GLY B 28 -3.46 9.25 -22.97
N ARG B 29 -2.52 9.91 -22.29
CA ARG B 29 -2.78 11.09 -21.48
C ARG B 29 -3.01 12.37 -22.26
N THR B 30 -4.07 13.10 -21.92
CA THR B 30 -4.27 14.47 -22.44
C THR B 30 -4.44 15.50 -21.30
N GLU B 31 -4.18 16.75 -21.63
CA GLU B 31 -4.35 17.85 -20.69
C GLU B 31 -5.34 18.85 -21.30
N LYS B 32 -6.28 19.32 -20.49
CA LYS B 32 -7.43 20.11 -20.99
C LYS B 32 -7.82 21.24 -20.03
N TYR B 33 -7.52 22.46 -20.45
CA TYR B 33 -7.94 23.67 -19.72
C TYR B 33 -9.36 24.05 -20.10
N VAL B 34 -10.32 23.76 -19.23
CA VAL B 34 -11.73 24.05 -19.52
C VAL B 34 -12.27 25.23 -18.72
N ASP B 35 -13.43 25.74 -19.14
CA ASP B 35 -14.07 26.88 -18.48
C ASP B 35 -15.58 26.66 -18.39
N THR B 36 -16.17 27.15 -17.28
CA THR B 36 -17.56 26.83 -16.90
C THR B 36 -18.43 28.05 -16.69
N PRO B 37 -19.77 27.87 -16.67
CA PRO B 37 -20.62 29.02 -16.38
C PRO B 37 -20.38 29.57 -14.98
N PHE B 38 -19.61 28.81 -14.19
CA PHE B 38 -19.29 29.13 -12.79
C PHE B 38 -17.84 29.57 -12.53
N GLY B 39 -17.01 29.61 -13.58
CA GLY B 39 -15.61 30.05 -13.43
C GLY B 39 -14.60 29.03 -13.94
N LYS B 40 -13.33 29.21 -13.58
CA LYS B 40 -12.27 28.24 -13.92
C LYS B 40 -12.08 27.17 -12.83
N PRO B 41 -11.94 25.90 -13.25
CA PRO B 41 -11.53 24.84 -12.32
C PRO B 41 -10.23 25.17 -11.57
N SER B 42 -9.98 24.46 -10.47
CA SER B 42 -8.75 24.61 -9.70
C SER B 42 -7.48 24.43 -10.54
N ASP B 43 -7.54 23.50 -11.49
CA ASP B 43 -6.46 23.28 -12.46
C ASP B 43 -7.00 22.63 -13.73
N ALA B 44 -6.09 22.27 -14.62
CA ALA B 44 -6.40 21.62 -15.87
C ALA B 44 -6.88 20.22 -15.57
N LEU B 45 -7.85 19.76 -16.36
CA LEU B 45 -8.29 18.38 -16.37
C LEU B 45 -7.23 17.50 -17.04
N ILE B 46 -6.98 16.34 -16.45
CA ILE B 46 -5.93 15.44 -16.94
C ILE B 46 -6.67 14.18 -17.29
N LEU B 47 -6.83 13.96 -18.59
CA LEU B 47 -7.60 12.84 -19.09
C LEU B 47 -6.71 11.62 -19.28
N GLY B 48 -7.33 10.45 -19.36
CA GLY B 48 -6.64 9.21 -19.73
C GLY B 48 -7.19 7.96 -19.07
N LYS B 49 -6.86 6.82 -19.65
CA LYS B 49 -7.25 5.52 -19.13
C LYS B 49 -6.31 5.07 -18.01
N ILE B 50 -6.84 4.34 -17.06
CA ILE B 50 -6.06 3.80 -15.94
C ILE B 50 -6.58 2.42 -15.76
N LYS B 51 -5.70 1.44 -15.98
CA LYS B 51 -6.12 0.04 -15.98
C LYS B 51 -7.35 -0.15 -16.88
N ASN B 52 -7.28 0.46 -18.07
CA ASN B 52 -8.29 0.35 -19.13
C ASN B 52 -9.60 1.06 -18.78
N VAL B 53 -9.54 1.98 -17.83
CA VAL B 53 -10.77 2.66 -17.44
C VAL B 53 -10.57 4.16 -17.51
N ASP B 54 -11.53 4.82 -18.18
CA ASP B 54 -11.54 6.26 -18.39
C ASP B 54 -11.52 7.05 -17.08
N CYS B 55 -10.56 7.95 -16.96
CA CYS B 55 -10.37 8.75 -15.74
C CYS B 55 -10.05 10.18 -16.08
N VAL B 56 -10.35 11.08 -15.14
CA VAL B 56 -10.09 12.51 -15.24
C VAL B 56 -9.56 12.99 -13.89
N LEU B 57 -8.31 13.43 -13.85
CA LEU B 57 -7.72 13.94 -12.62
C LEU B 57 -7.89 15.43 -12.51
N LEU B 58 -8.20 15.89 -11.31
CA LEU B 58 -8.18 17.30 -11.00
C LEU B 58 -7.58 17.44 -9.63
N ALA B 59 -6.56 18.28 -9.53
CA ALA B 59 -5.96 18.59 -8.24
C ALA B 59 -6.87 19.62 -7.58
N ARG B 60 -7.22 19.38 -6.32
CA ARG B 60 -8.21 20.22 -5.66
C ARG B 60 -7.65 21.61 -5.36
N HIS B 61 -6.45 21.66 -4.79
CA HIS B 61 -5.87 22.93 -4.38
C HIS B 61 -4.98 23.59 -5.45
N GLY B 62 -4.93 22.96 -6.63
CA GLY B 62 -4.10 23.43 -7.73
C GLY B 62 -2.69 22.89 -7.61
N ARG B 63 -2.06 22.60 -8.75
CA ARG B 63 -0.77 21.90 -8.73
C ARG B 63 0.28 22.61 -7.88
N GLN B 64 0.20 23.94 -7.81
CA GLN B 64 1.12 24.75 -6.99
C GLN B 64 0.66 24.90 -5.52
N HIS B 65 -0.65 24.75 -5.29
CA HIS B 65 -1.29 24.77 -3.93
C HIS B 65 -1.58 26.17 -3.36
N THR B 66 -1.93 27.07 -4.28
CA THR B 66 -2.18 28.48 -4.00
C THR B 66 -3.54 28.77 -3.32
N ILE B 67 -4.45 27.79 -3.33
CA ILE B 67 -5.88 28.06 -3.06
C ILE B 67 -6.43 27.57 -1.68
N MET B 68 -7.03 28.48 -0.92
CA MET B 68 -7.55 28.17 0.40
C MET B 68 -8.92 27.45 0.28
N PRO B 69 -9.23 26.54 1.22
CA PRO B 69 -10.40 25.71 0.98
C PRO B 69 -11.66 26.55 0.86
N SER B 70 -11.73 27.64 1.62
CA SER B 70 -12.84 28.61 1.50
C SER B 70 -13.01 29.18 0.07
N LYS B 71 -11.92 29.26 -0.69
CA LYS B 71 -11.94 29.86 -2.02
C LYS B 71 -11.92 28.86 -3.19
N VAL B 72 -11.77 27.56 -2.92
CA VAL B 72 -11.86 26.56 -4.00
C VAL B 72 -13.21 26.68 -4.70
N ASN B 73 -13.16 26.63 -6.03
CA ASN B 73 -14.31 26.72 -6.86
C ASN B 73 -14.89 25.33 -7.06
N TYR B 74 -15.62 24.85 -6.06
CA TYR B 74 -16.20 23.54 -6.10
C TYR B 74 -17.19 23.48 -7.28
N GLN B 75 -17.98 24.54 -7.46
CA GLN B 75 -18.97 24.65 -8.54
C GLN B 75 -18.35 24.35 -9.90
N ALA B 76 -17.36 25.15 -10.30
CA ALA B 76 -16.63 24.94 -11.56
C ALA B 76 -15.94 23.58 -11.60
N ASN B 77 -15.30 23.19 -10.50
CA ASN B 77 -14.66 21.88 -10.38
C ASN B 77 -15.58 20.69 -10.63
N ILE B 78 -16.75 20.70 -10.00
CA ILE B 78 -17.74 19.62 -10.17
C ILE B 78 -18.45 19.68 -11.52
N TRP B 79 -18.81 20.90 -11.96
CA TRP B 79 -19.40 21.05 -13.28
C TRP B 79 -18.42 20.56 -14.35
N ALA B 80 -17.15 20.98 -14.26
CA ALA B 80 -16.14 20.54 -15.24
C ALA B 80 -16.08 19.02 -15.37
N LEU B 81 -16.17 18.32 -14.22
CA LEU B 81 -16.14 16.86 -14.23
C LEU B 81 -17.43 16.28 -14.81
N LYS B 82 -18.55 16.92 -14.47
CA LYS B 82 -19.84 16.56 -15.08
C LYS B 82 -19.76 16.66 -16.59
N GLU B 83 -19.35 17.86 -17.02
CA GLU B 83 -19.18 18.21 -18.44
C GLU B 83 -18.32 17.17 -19.20
N GLU B 84 -17.38 16.51 -18.52
CA GLU B 84 -16.49 15.57 -19.20
C GLU B 84 -17.15 14.22 -19.42
N GLY B 85 -18.25 14.00 -18.72
CA GLY B 85 -18.97 12.76 -18.78
C GLY B 85 -18.60 11.82 -17.64
N CYS B 86 -18.10 12.37 -16.54
CA CYS B 86 -17.79 11.52 -15.40
C CYS B 86 -19.06 10.89 -14.83
N THR B 87 -18.96 9.60 -14.51
CA THR B 87 -20.05 8.87 -13.89
C THR B 87 -19.84 8.81 -12.37
N HIS B 88 -18.57 8.68 -11.99
CA HIS B 88 -18.16 8.62 -10.60
C HIS B 88 -17.21 9.78 -10.30
N VAL B 89 -17.11 10.14 -9.03
CA VAL B 89 -16.04 10.98 -8.55
C VAL B 89 -15.56 10.30 -7.29
N ILE B 90 -14.27 9.98 -7.25
CA ILE B 90 -13.66 9.43 -6.06
C ILE B 90 -12.65 10.48 -5.65
N VAL B 91 -12.71 10.84 -4.37
CA VAL B 91 -11.86 11.90 -3.83
C VAL B 91 -10.98 11.35 -2.68
N THR B 92 -9.92 12.09 -2.32
CA THR B 92 -9.14 11.77 -1.15
C THR B 92 -9.02 13.07 -0.40
N THR B 93 -9.15 13.05 0.92
CA THR B 93 -8.78 14.22 1.67
C THR B 93 -7.87 13.77 2.79
N ALA B 94 -7.06 14.69 3.29
CA ALA B 94 -6.51 14.50 4.59
C ALA B 94 -7.60 14.92 5.57
N CYS B 95 -7.58 14.35 6.76
CA CYS B 95 -8.42 14.85 7.80
C CYS B 95 -7.79 14.57 9.14
N GLY B 96 -8.32 15.21 10.18
CA GLY B 96 -7.86 14.97 11.52
C GLY B 96 -8.78 13.96 12.13
N SER B 97 -8.26 13.15 13.04
CA SER B 97 -9.05 12.18 13.81
C SER B 97 -9.57 12.77 15.09
N LEU B 98 -10.86 12.51 15.36
CA LEU B 98 -11.50 12.92 16.59
C LEU B 98 -11.82 11.73 17.47
N ARG B 99 -11.45 10.52 17.05
CA ARG B 99 -11.66 9.32 17.86
C ARG B 99 -10.34 8.60 18.02
N GLU B 100 -9.95 8.25 19.24
CA GLU B 100 -8.78 7.35 19.49
C GLU B 100 -8.65 6.16 18.51
N GLU B 101 -9.76 5.57 18.13
CA GLU B 101 -9.73 4.37 17.28
C GLU B 101 -9.19 4.65 15.86
N ILE B 102 -9.46 5.86 15.37
CA ILE B 102 -9.02 6.27 14.06
C ILE B 102 -7.66 6.92 14.22
N GLN B 103 -6.63 6.27 13.66
CA GLN B 103 -5.23 6.63 13.91
C GLN B 103 -4.58 7.40 12.73
N PRO B 104 -3.58 8.27 13.00
CA PRO B 104 -2.98 8.90 11.82
C PRO B 104 -2.43 7.81 10.93
N GLY B 105 -2.70 7.91 9.63
CA GLY B 105 -2.40 6.78 8.73
C GLY B 105 -3.58 5.84 8.49
N ASP B 106 -4.66 5.95 9.27
CA ASP B 106 -5.88 5.20 8.99
C ASP B 106 -6.65 5.81 7.82
N ILE B 107 -7.25 4.93 7.00
CA ILE B 107 -8.28 5.32 6.03
C ILE B 107 -9.68 5.32 6.69
N VAL B 108 -10.47 6.36 6.46
CA VAL B 108 -11.90 6.35 6.83
C VAL B 108 -12.75 6.52 5.55
N ILE B 109 -13.66 5.57 5.30
CA ILE B 109 -14.56 5.69 4.15
C ILE B 109 -15.84 6.27 4.72
N ILE B 110 -15.96 7.60 4.67
CA ILE B 110 -16.99 8.37 5.40
C ILE B 110 -18.41 8.22 4.83
N ASP B 111 -19.43 8.19 5.69
CA ASP B 111 -20.80 8.00 5.24
C ASP B 111 -21.67 9.16 5.65
N GLN B 112 -21.10 10.05 6.46
CA GLN B 112 -21.86 11.21 6.90
C GLN B 112 -20.98 12.46 6.99
N PHE B 113 -21.63 13.62 7.13
CA PHE B 113 -20.96 14.90 7.33
C PHE B 113 -21.83 15.81 8.19
N ILE B 114 -21.15 16.71 8.89
CA ILE B 114 -21.77 17.85 9.57
C ILE B 114 -21.13 19.10 8.92
N ASP B 115 -21.95 20.07 8.51
CA ASP B 115 -21.47 21.30 7.87
C ASP B 115 -21.14 22.40 8.91
N ARG B 116 -19.96 23.02 8.81
CA ARG B 116 -19.60 24.14 9.66
C ARG B 116 -18.95 25.21 8.82
N THR B 117 -19.11 25.08 7.50
CA THR B 117 -18.66 26.13 6.60
C THR B 117 -19.73 27.20 6.52
N THR B 118 -19.30 28.41 6.17
CA THR B 118 -20.15 29.59 6.22
C THR B 118 -20.14 30.36 4.91
N MET B 119 -19.03 30.27 4.20
CA MET B 119 -18.75 31.20 3.09
C MET B 119 -18.99 30.67 1.68
N ARG B 120 -19.58 29.47 1.57
CA ARG B 120 -19.51 28.66 0.36
C ARG B 120 -20.82 28.39 -0.37
N PRO B 121 -20.86 28.73 -1.68
CA PRO B 121 -21.98 28.34 -2.54
C PRO B 121 -22.11 26.82 -2.48
N GLN B 122 -23.31 26.32 -2.25
CA GLN B 122 -23.52 24.88 -2.11
C GLN B 122 -24.33 24.28 -3.24
N SER B 123 -24.75 25.12 -4.18
CA SER B 123 -25.79 24.77 -5.15
C SER B 123 -25.35 25.24 -6.53
N PHE B 124 -25.82 24.53 -7.58
CA PHE B 124 -25.67 25.03 -8.96
C PHE B 124 -26.80 25.98 -9.32
N TYR B 125 -27.94 25.82 -8.66
CA TYR B 125 -29.14 26.54 -8.99
C TYR B 125 -29.32 27.77 -8.12
N ASP B 126 -28.49 28.75 -8.40
CA ASP B 126 -28.46 30.00 -7.64
C ASP B 126 -29.21 31.12 -8.36
N GLY B 127 -29.82 30.79 -9.52
CA GLY B 127 -30.61 31.74 -10.31
C GLY B 127 -29.76 32.89 -10.82
N SER B 128 -28.88 32.60 -11.78
CA SER B 128 -27.90 33.58 -12.24
C SER B 128 -27.19 32.95 -13.41
N HIS B 129 -27.43 31.65 -13.55
CA HIS B 129 -26.80 30.82 -14.55
C HIS B 129 -27.88 30.16 -15.34
N SER B 130 -28.12 30.70 -16.54
CA SER B 130 -29.16 30.20 -17.44
C SER B 130 -29.00 28.69 -17.68
N CYS B 131 -27.80 28.16 -17.41
CA CYS B 131 -27.52 26.72 -17.50
C CYS B 131 -28.21 25.84 -16.44
N ALA B 132 -28.70 26.45 -15.36
CA ALA B 132 -29.34 25.69 -14.28
C ALA B 132 -30.44 26.49 -13.59
N ARG B 133 -31.68 26.34 -14.06
CA ARG B 133 -32.79 27.17 -13.57
C ARG B 133 -33.61 26.52 -12.42
N GLY B 134 -34.17 27.40 -11.59
CA GLY B 134 -35.03 27.03 -10.50
C GLY B 134 -34.30 27.05 -9.17
N VAL B 135 -34.93 26.48 -8.15
CA VAL B 135 -34.28 26.19 -6.88
C VAL B 135 -34.02 24.73 -6.94
N CYS B 136 -32.91 24.29 -6.39
CA CYS B 136 -32.71 22.86 -6.21
C CYS B 136 -32.64 22.58 -4.74
N HIS B 137 -33.50 21.70 -4.23
CA HIS B 137 -33.31 21.15 -2.86
C HIS B 137 -32.90 19.67 -2.90
N ILE B 138 -31.59 19.41 -2.88
CA ILE B 138 -31.12 18.03 -2.96
C ILE B 138 -31.22 17.34 -1.59
N PRO B 139 -31.64 16.06 -1.57
CA PRO B 139 -31.67 15.37 -0.27
C PRO B 139 -30.33 14.74 0.11
N MET B 140 -29.86 15.09 1.30
CA MET B 140 -28.53 14.71 1.76
C MET B 140 -28.57 13.59 2.83
N ALA B 141 -29.75 12.97 2.97
CA ALA B 141 -29.93 11.73 3.70
C ALA B 141 -28.73 10.74 3.68
N GLU B 142 -28.26 10.41 2.49
CA GLU B 142 -27.08 9.58 2.31
C GLU B 142 -26.26 10.33 1.27
N PRO B 143 -25.34 11.19 1.73
CA PRO B 143 -24.61 12.06 0.81
C PRO B 143 -23.63 11.26 -0.08
N PHE B 144 -23.28 10.02 0.30
CA PHE B 144 -22.18 9.28 -0.39
C PHE B 144 -22.62 8.01 -1.14
N CYS B 145 -22.12 7.79 -2.35
CA CYS B 145 -22.44 6.59 -3.15
C CYS B 145 -22.12 5.29 -2.41
N PRO B 146 -23.17 4.58 -1.91
CA PRO B 146 -22.98 3.36 -1.13
C PRO B 146 -22.25 2.24 -1.90
N LYS B 147 -22.48 2.15 -3.20
CA LYS B 147 -21.93 1.05 -3.93
C LYS B 147 -20.45 1.31 -4.16
N THR B 148 -20.09 2.60 -4.33
CA THR B 148 -18.70 3.02 -4.48
C THR B 148 -17.94 2.99 -3.13
N ARG B 149 -18.67 3.02 -2.02
CA ARG B 149 -18.05 2.96 -0.68
C ARG B 149 -17.83 1.50 -0.26
N GLU B 150 -18.76 0.63 -0.67
CA GLU B 150 -18.69 -0.84 -0.50
C GLU B 150 -17.46 -1.34 -1.24
N VAL B 151 -17.22 -0.83 -2.45
CA VAL B 151 -16.04 -1.22 -3.26
C VAL B 151 -14.76 -0.76 -2.61
N LEU B 152 -14.75 0.47 -2.08
CA LEU B 152 -13.52 0.96 -1.42
C LEU B 152 -13.17 0.09 -0.23
N ILE B 153 -14.17 -0.31 0.55
CA ILE B 153 -13.93 -0.94 1.84
C ILE B 153 -13.26 -2.32 1.68
N GLU B 154 -13.83 -3.16 0.85
CA GLU B 154 -13.30 -4.50 0.75
C GLU B 154 -11.98 -4.55 -0.05
N THR B 155 -11.78 -3.56 -0.93
CA THR B 155 -10.51 -3.42 -1.64
C THR B 155 -9.46 -3.04 -0.63
N ALA B 156 -9.82 -2.17 0.31
CA ALA B 156 -8.92 -1.76 1.37
C ALA B 156 -8.64 -3.01 2.20
N LYS B 157 -9.71 -3.78 2.45
CA LYS B 157 -9.58 -5.09 3.09
C LYS B 157 -8.65 -6.01 2.27
N LYS B 158 -8.87 -6.12 0.97
CA LYS B 158 -7.98 -6.93 0.14
C LYS B 158 -6.50 -6.60 0.38
N LEU B 159 -6.21 -5.31 0.58
CA LEU B 159 -4.86 -4.77 0.64
C LEU B 159 -4.27 -4.73 2.02
N GLY B 160 -5.05 -5.13 3.03
CA GLY B 160 -4.65 -5.16 4.42
C GLY B 160 -4.58 -3.80 5.10
N LEU B 161 -5.32 -2.83 4.58
CA LEU B 161 -5.28 -1.46 5.11
C LEU B 161 -6.18 -1.27 6.33
N ARG B 162 -5.64 -0.67 7.39
CA ARG B 162 -6.44 -0.18 8.52
C ARG B 162 -7.47 0.76 7.94
N CYS B 163 -8.73 0.41 8.11
CA CYS B 163 -9.82 1.10 7.43
C CYS B 163 -11.04 1.10 8.34
N HIS B 164 -11.78 2.19 8.30
CA HIS B 164 -13.04 2.33 8.98
C HIS B 164 -14.15 2.46 7.95
N SER B 165 -15.15 1.58 8.12
CA SER B 165 -16.21 1.42 7.13
C SER B 165 -17.34 2.44 7.32
N LYS B 166 -17.20 3.34 8.28
CA LYS B 166 -18.11 4.48 8.36
C LYS B 166 -17.37 5.58 9.06
N GLY B 167 -17.94 6.79 9.01
CA GLY B 167 -17.35 7.98 9.65
C GLY B 167 -18.04 9.26 9.22
N THR B 168 -18.18 10.18 10.15
CA THR B 168 -18.82 11.44 9.95
C THR B 168 -17.67 12.47 9.91
N MET B 169 -17.62 13.25 8.86
CA MET B 169 -16.59 14.26 8.69
C MET B 169 -17.25 15.60 9.00
N VAL B 170 -16.76 16.35 9.99
CA VAL B 170 -17.16 17.72 10.13
C VAL B 170 -16.22 18.53 9.21
N THR B 171 -16.80 19.34 8.35
CA THR B 171 -16.02 20.17 7.43
C THR B 171 -16.13 21.60 7.95
N ILE B 172 -14.98 22.18 8.31
CA ILE B 172 -14.98 23.52 8.90
C ILE B 172 -14.55 24.51 7.84
N GLU B 173 -14.78 25.81 8.09
CA GLU B 173 -14.48 26.84 7.09
C GLU B 173 -12.99 26.95 6.88
N GLY B 174 -12.25 26.88 7.98
CA GLY B 174 -10.83 27.18 7.96
C GLY B 174 -10.58 28.65 7.64
N PRO B 175 -9.36 28.99 7.14
CA PRO B 175 -8.23 28.10 6.89
C PRO B 175 -7.58 27.63 8.20
N ARG B 176 -7.87 28.36 9.30
CA ARG B 176 -7.46 28.01 10.66
C ARG B 176 -7.96 26.63 11.09
N PHE B 177 -7.22 26.00 11.99
CA PHE B 177 -7.68 24.80 12.71
C PHE B 177 -8.68 25.15 13.85
N SER B 178 -9.34 24.15 14.38
CA SER B 178 -10.29 24.37 15.46
C SER B 178 -9.57 24.65 16.77
N SER B 179 -10.25 25.39 17.66
CA SER B 179 -9.76 25.50 19.04
C SER B 179 -9.89 24.17 19.73
N ARG B 180 -9.23 23.98 20.87
CA ARG B 180 -9.57 22.79 21.69
C ARG B 180 -11.03 22.76 22.05
N ALA B 181 -11.59 23.86 22.57
CA ALA B 181 -13.05 23.83 22.82
C ALA B 181 -13.96 23.46 21.61
N GLU B 182 -13.61 23.81 20.37
CA GLU B 182 -14.44 23.40 19.24
C GLU B 182 -14.17 21.91 18.98
N SER B 183 -12.89 21.52 19.02
CA SER B 183 -12.54 20.12 18.91
C SER B 183 -13.40 19.25 19.81
N PHE B 184 -13.61 19.62 21.09
CA PHE B 184 -14.33 18.73 22.01
C PHE B 184 -15.82 18.71 21.72
N MET B 185 -16.38 19.87 21.40
CA MET B 185 -17.75 19.97 21.01
C MET B 185 -18.06 19.07 19.78
N PHE B 186 -17.15 19.03 18.81
CA PHE B 186 -17.33 18.25 17.57
C PHE B 186 -17.56 16.78 17.81
N ARG B 187 -16.82 16.23 18.80
CA ARG B 187 -16.91 14.85 19.24
C ARG B 187 -18.27 14.52 19.86
N THR B 188 -18.73 15.38 20.76
CA THR B 188 -20.05 15.26 21.37
C THR B 188 -21.20 15.30 20.38
N TRP B 189 -20.91 15.88 19.21
CA TRP B 189 -21.89 16.21 18.15
C TRP B 189 -22.12 15.10 17.14
N GLY B 190 -21.28 14.07 17.22
CA GLY B 190 -21.36 12.95 16.28
C GLY B 190 -20.12 12.74 15.42
N ALA B 191 -19.31 13.78 15.33
CA ALA B 191 -18.22 13.85 14.35
C ALA B 191 -17.08 12.86 14.68
N ASP B 192 -16.49 12.25 13.66
CA ASP B 192 -15.38 11.31 13.88
C ASP B 192 -14.08 11.83 13.27
N VAL B 193 -14.21 12.60 12.20
CA VAL B 193 -13.02 13.14 11.52
C VAL B 193 -13.31 14.53 11.00
N ILE B 194 -12.26 15.32 10.80
CA ILE B 194 -12.42 16.75 10.53
C ILE B 194 -11.59 17.25 9.36
N ASN B 195 -12.25 17.94 8.42
CA ASN B 195 -11.53 18.48 7.23
C ASN B 195 -12.13 19.82 6.82
N MET B 196 -11.67 20.37 5.70
CA MET B 196 -12.10 21.69 5.24
C MET B 196 -12.67 21.69 3.81
N THR B 197 -12.77 20.52 3.17
CA THR B 197 -13.20 20.42 1.76
C THR B 197 -14.30 19.39 1.40
N THR B 198 -14.84 18.66 2.37
CA THR B 198 -15.94 17.75 2.06
C THR B 198 -17.25 18.50 1.71
N VAL B 199 -17.59 19.54 2.46
CA VAL B 199 -18.70 20.42 2.07
C VAL B 199 -18.16 21.65 1.31
N PRO B 200 -18.71 21.96 0.11
CA PRO B 200 -19.87 21.40 -0.61
C PRO B 200 -19.54 20.52 -1.80
N GLU B 201 -18.32 19.99 -1.85
CA GLU B 201 -17.91 19.10 -2.93
C GLU B 201 -18.95 17.98 -3.04
N VAL B 202 -19.26 17.33 -1.90
CA VAL B 202 -20.27 16.25 -1.80
C VAL B 202 -21.67 16.74 -2.23
N VAL B 203 -22.06 17.95 -1.83
CA VAL B 203 -23.37 18.50 -2.20
C VAL B 203 -23.49 18.73 -3.72
N LEU B 204 -22.47 19.29 -4.35
CA LEU B 204 -22.57 19.57 -5.79
C LEU B 204 -22.58 18.29 -6.68
N ALA B 205 -21.71 17.33 -6.39
CA ALA B 205 -21.74 16.07 -7.16
C ALA B 205 -23.11 15.41 -7.11
N LYS B 206 -23.81 15.50 -5.97
CA LYS B 206 -25.13 14.93 -5.90
C LYS B 206 -26.13 15.71 -6.75
N GLU B 207 -26.12 17.03 -6.62
CA GLU B 207 -26.97 17.87 -7.49
C GLU B 207 -26.69 17.65 -8.95
N ALA B 208 -25.46 17.23 -9.27
CA ALA B 208 -25.12 16.86 -10.64
C ALA B 208 -25.50 15.41 -11.01
N GLY B 209 -26.05 14.65 -10.09
CA GLY B 209 -26.35 13.23 -10.38
C GLY B 209 -25.10 12.38 -10.59
N ILE B 210 -23.98 12.79 -9.99
CA ILE B 210 -22.74 11.98 -9.96
C ILE B 210 -22.70 11.07 -8.72
N CYS B 211 -22.09 9.89 -8.84
CA CYS B 211 -21.96 9.00 -7.69
C CYS B 211 -20.61 9.22 -6.96
N TYR B 212 -20.72 9.84 -5.77
CA TYR B 212 -19.60 10.46 -5.05
C TYR B 212 -19.14 9.61 -3.89
N ALA B 213 -17.81 9.59 -3.68
CA ALA B 213 -17.20 8.81 -2.59
C ALA B 213 -15.90 9.46 -2.13
N SER B 214 -15.47 9.12 -0.91
CA SER B 214 -14.34 9.76 -0.28
C SER B 214 -13.44 8.84 0.49
N ILE B 215 -12.16 8.93 0.19
CA ILE B 215 -11.16 8.31 0.98
C ILE B 215 -10.66 9.40 1.90
N ALA B 216 -10.89 9.24 3.19
CA ALA B 216 -10.36 10.21 4.12
C ALA B 216 -9.14 9.51 4.65
N MET B 217 -8.09 10.26 4.86
CA MET B 217 -6.85 9.69 5.39
C MET B 217 -6.46 10.55 6.60
N ALA B 218 -6.51 9.98 7.79
CA ALA B 218 -6.20 10.75 9.02
C ALA B 218 -4.73 11.13 9.09
N THR B 219 -4.43 12.39 9.44
CA THR B 219 -3.05 12.84 9.49
C THR B 219 -2.66 13.35 10.86
N ASP B 220 -3.62 13.35 11.80
CA ASP B 220 -3.42 13.91 13.14
C ASP B 220 -4.66 13.63 14.00
N TYR B 221 -4.61 14.06 15.24
CA TYR B 221 -5.67 13.91 16.23
C TYR B 221 -6.27 15.28 16.59
N ASP B 222 -6.28 16.19 15.62
CA ASP B 222 -6.82 17.55 15.79
C ASP B 222 -6.09 18.17 16.97
N CYS B 223 -6.80 18.67 17.99
CA CYS B 223 -6.13 19.13 19.22
C CYS B 223 -6.75 18.67 20.53
N TRP B 224 -7.59 17.63 20.49
CA TRP B 224 -8.25 17.14 21.68
C TRP B 224 -7.37 16.20 22.52
N LYS B 225 -6.39 15.53 21.90
CA LYS B 225 -5.82 14.33 22.53
C LYS B 225 -4.77 14.65 23.57
N GLU B 226 -4.86 13.95 24.69
CA GLU B 226 -3.87 13.99 25.79
C GLU B 226 -2.59 13.24 25.39
N HIS B 227 -1.45 13.70 25.90
CA HIS B 227 -0.11 13.13 25.61
C HIS B 227 0.22 13.03 24.11
N GLU B 228 -0.49 13.81 23.29
CA GLU B 228 -0.17 13.97 21.86
C GLU B 228 0.09 15.44 21.59
N GLU B 229 1.00 15.71 20.65
CA GLU B 229 1.32 17.07 20.24
CA GLU B 229 1.36 17.07 20.22
C GLU B 229 0.40 17.51 19.11
N ALA B 230 -0.11 18.74 19.23
CA ALA B 230 -1.18 19.23 18.37
C ALA B 230 -0.93 19.28 16.85
N VAL B 231 -2.04 19.31 16.12
CA VAL B 231 -1.99 19.47 14.68
C VAL B 231 -1.31 20.80 14.34
N SER B 232 -0.52 20.77 13.28
CA SER B 232 0.02 21.96 12.64
C SER B 232 0.24 21.54 11.19
N VAL B 233 0.43 22.51 10.30
CA VAL B 233 0.66 22.22 8.88
C VAL B 233 1.77 21.16 8.68
N ASP B 234 2.90 21.32 9.37
CA ASP B 234 4.04 20.39 9.22
C ASP B 234 3.70 18.95 9.56
N ARG B 235 2.85 18.80 10.58
CA ARG B 235 2.52 17.51 11.15
C ARG B 235 1.63 16.78 10.14
N VAL B 236 0.77 17.54 9.49
CA VAL B 236 -0.14 16.97 8.48
C VAL B 236 0.74 16.44 7.35
N LEU B 237 1.64 17.27 6.84
CA LEU B 237 2.54 16.88 5.75
C LEU B 237 3.41 15.67 6.04
N LYS B 238 4.03 15.62 7.23
CA LYS B 238 4.84 14.48 7.63
C LYS B 238 4.01 13.18 7.50
N THR B 239 2.90 13.10 8.25
CA THR B 239 2.00 11.95 8.15
C THR B 239 1.66 11.65 6.69
N LEU B 240 1.34 12.69 5.93
CA LEU B 240 0.89 12.53 4.54
C LEU B 240 1.97 11.91 3.65
N LYS B 241 3.18 12.47 3.72
CA LYS B 241 4.39 11.89 3.14
C LYS B 241 4.36 10.38 3.34
N GLU B 242 4.35 9.96 4.60
CA GLU B 242 4.53 8.58 4.97
C GLU B 242 3.39 7.64 4.62
N ASN B 243 2.19 8.17 4.38
CA ASN B 243 0.97 7.36 4.24
C ASN B 243 0.22 7.49 2.88
N ALA B 244 0.72 8.37 2.01
CA ALA B 244 -0.01 8.70 0.78
C ALA B 244 0.00 7.53 -0.19
N ASN B 245 1.09 6.77 -0.20
CA ASN B 245 1.14 5.58 -1.01
C ASN B 245 -0.14 4.75 -0.78
N LYS B 246 -0.65 4.71 0.47
CA LYS B 246 -1.87 3.91 0.82
C LYS B 246 -3.02 4.26 -0.09
N ALA B 247 -3.32 5.57 -0.22
CA ALA B 247 -4.55 5.96 -0.90
C ALA B 247 -4.46 5.68 -2.39
N LYS B 248 -3.33 6.07 -2.97
CA LYS B 248 -2.89 5.68 -4.31
C LYS B 248 -3.09 4.18 -4.59
N SER B 249 -2.54 3.28 -3.76
CA SER B 249 -2.87 1.83 -3.91
C SER B 249 -4.38 1.57 -3.80
N LEU B 250 -5.03 2.20 -2.84
CA LEU B 250 -6.46 1.96 -2.78
C LEU B 250 -7.17 2.37 -4.09
N LEU B 251 -6.84 3.55 -4.59
CA LEU B 251 -7.48 4.05 -5.81
C LEU B 251 -7.14 3.19 -6.99
N LEU B 252 -5.85 2.85 -7.11
CA LEU B 252 -5.39 2.08 -8.27
C LEU B 252 -5.97 0.67 -8.31
N THR B 253 -6.38 0.16 -7.16
CA THR B 253 -7.02 -1.17 -7.05
C THR B 253 -8.57 -1.13 -7.23
N THR B 254 -9.20 -0.03 -6.81
CA THR B 254 -10.68 0.10 -6.78
C THR B 254 -11.23 0.38 -8.16
N ILE B 255 -10.48 1.13 -8.95
CA ILE B 255 -10.86 1.58 -10.29
C ILE B 255 -11.33 0.50 -11.33
N PRO B 256 -10.52 -0.57 -11.59
CA PRO B 256 -11.06 -1.69 -12.43
C PRO B 256 -12.19 -2.52 -11.75
N GLN B 257 -12.42 -2.32 -10.46
CA GLN B 257 -13.60 -2.90 -9.91
C GLN B 257 -14.78 -2.04 -10.30
N ILE B 258 -14.63 -0.72 -10.24
CA ILE B 258 -15.69 0.19 -10.65
C ILE B 258 -16.07 -0.02 -12.11
N GLY B 259 -15.06 -0.15 -12.97
CA GLY B 259 -15.25 -0.62 -14.35
C GLY B 259 -16.02 -1.92 -14.42
N SER B 260 -15.76 -2.85 -13.51
CA SER B 260 -16.40 -4.19 -13.58
C SER B 260 -17.89 -4.14 -13.24
N THR B 261 -18.25 -3.28 -12.30
CA THR B 261 -19.60 -3.29 -11.71
C THR B 261 -20.68 -2.79 -12.69
N GLU B 262 -21.89 -3.31 -12.53
CA GLU B 262 -23.08 -2.79 -13.21
C GLU B 262 -23.55 -1.52 -12.49
N TRP B 263 -23.79 -0.44 -13.25
CA TRP B 263 -24.26 0.83 -12.65
C TRP B 263 -25.63 1.41 -13.09
N SER B 264 -26.24 0.89 -14.16
CA SER B 264 -27.36 1.62 -14.81
C SER B 264 -28.46 2.01 -13.82
N GLU B 265 -28.80 1.08 -12.93
CA GLU B 265 -29.83 1.26 -11.92
C GLU B 265 -29.46 2.32 -10.87
N THR B 266 -28.23 2.28 -10.39
CA THR B 266 -27.77 3.30 -9.46
C THR B 266 -27.72 4.67 -10.13
N LEU B 267 -27.12 4.74 -11.32
CA LEU B 267 -27.00 6.03 -12.02
C LEU B 267 -28.35 6.62 -12.45
N HIS B 268 -29.28 5.75 -12.81
CA HIS B 268 -30.64 6.19 -13.13
C HIS B 268 -31.35 6.78 -11.91
N ASN B 269 -31.11 6.19 -10.75
CA ASN B 269 -31.70 6.65 -9.50
C ASN B 269 -31.15 7.99 -8.99
N LEU B 270 -29.89 8.30 -9.30
CA LEU B 270 -29.30 9.59 -8.95
C LEU B 270 -29.77 10.70 -9.88
N LYS B 271 -29.94 10.36 -11.15
CA LYS B 271 -30.47 11.29 -12.16
C LYS B 271 -31.87 11.78 -11.78
N ASN B 272 -32.76 10.84 -11.50
CA ASN B 272 -34.09 11.13 -11.02
C ASN B 272 -34.04 11.93 -9.72
N MET B 273 -33.33 11.44 -8.71
CA MET B 273 -33.16 12.23 -7.50
C MET B 273 -32.75 13.69 -7.78
N ALA B 274 -31.68 13.88 -8.55
CA ALA B 274 -31.25 15.23 -8.96
C ALA B 274 -32.42 16.01 -9.54
N GLN B 275 -33.02 15.47 -10.59
CA GLN B 275 -34.09 16.18 -11.29
C GLN B 275 -35.37 16.43 -10.48
N PHE B 276 -35.84 15.43 -9.72
CA PHE B 276 -37.10 15.54 -8.94
C PHE B 276 -37.05 16.55 -7.75
N SER B 277 -35.87 16.90 -7.29
CA SER B 277 -35.81 17.90 -6.23
C SER B 277 -35.48 19.31 -6.80
N VAL B 278 -35.70 19.48 -8.11
CA VAL B 278 -35.63 20.78 -8.78
C VAL B 278 -37.05 21.33 -9.10
N LEU B 279 -37.27 22.62 -8.83
CA LEU B 279 -38.57 23.28 -9.11
C LEU B 279 -38.44 24.47 -10.05
N LEU B 280 -39.32 24.49 -11.05
CA LEU B 280 -39.38 25.56 -12.07
C LEU B 280 -40.36 26.70 -11.74
N PRO B 281 -40.01 27.94 -12.16
CA PRO B 281 -40.83 29.16 -12.04
C PRO B 281 -42.34 28.99 -12.27
N1 4CT C . 23.04 -3.21 7.03
CL1 4CT C . 12.35 -6.40 14.88
C2 4CT C . 22.77 -4.50 7.26
N3 4CT C . 21.52 -4.91 7.44
C4 4CT C . 20.51 -3.99 7.40
C5 4CT C . 20.73 -2.65 7.16
C6 4CT C . 22.07 -2.27 6.99
N6 4CT C . 22.43 -1.01 6.72
N7 4CT C . 19.52 -2.05 7.17
C8 4CT C . 18.57 -2.97 7.42
C9 4CT C . 19.18 -4.22 7.59
C1' 4CT C . 17.81 -5.01 10.17
N1' 4CT C . 18.21 -6.03 9.19
C10 4CT C . 18.49 -5.55 7.81
C11 4CT C . 13.85 -5.56 14.35
C13 4CT C . 15.08 -5.88 14.93
C14 4CT C . 16.25 -5.22 14.53
C2' 4CT C . 19.36 -6.73 9.75
C3' 4CT C . 19.02 -6.88 11.22
O3' 4CT C . 18.24 -8.09 11.23
C4' 4CT C . 18.13 -5.67 11.52
C5' 4CT C . 18.77 -4.63 12.43
S6' 4CT C . 17.58 -3.46 13.03
C7' 4CT C . 16.18 -4.26 13.54
C8' 4CT C . 14.97 -3.95 12.95
C9' 4CT C . 13.80 -4.59 13.35
N1 4CT D . -8.49 20.05 11.01
CL1 4CT D . -2.08 19.31 -0.18
C2 4CT D . -9.01 20.45 9.82
N3 4CT D . -8.56 19.92 8.66
C4 4CT D . -7.59 18.98 8.70
C5 4CT D . -7.04 18.52 9.87
C6 4CT D . -7.53 19.09 11.06
N6 4CT D . -7.05 18.69 12.26
N7 4CT D . -6.11 17.59 9.55
C8 4CT D . -6.07 17.45 8.21
C9 4CT D . -6.99 18.32 7.64
C1' 4CT D . -5.17 19.56 5.51
N1' 4CT D . -6.64 19.54 5.41
C10 4CT D . -7.29 18.46 6.16
C11 4CT D . -2.06 19.84 1.54
C13 4CT D . -2.12 21.20 1.89
C14 4CT D . -2.10 21.57 3.24
C2' 4CT D . -7.17 20.86 5.77
C3' 4CT D . -6.06 21.83 5.41
O3' 4CT D . -6.42 22.40 4.16
C4' 4CT D . -4.76 21.01 5.32
C5' 4CT D . -3.70 21.40 6.36
S6' 4CT D . -2.04 21.00 5.87
C7' 4CT D . -2.03 20.59 4.23
C8' 4CT D . -1.97 19.24 3.87
C9' 4CT D . -1.99 18.86 2.54
#